data_3RT7
#
_entry.id   3RT7
#
_cell.length_a   122.138
_cell.length_b   122.138
_cell.length_c   155.337
_cell.angle_alpha   90.000
_cell.angle_beta   90.000
_cell.angle_gamma   90.000
#
_symmetry.space_group_name_H-M   'I 4 2 2'
#
loop_
_entity.id
_entity.type
_entity.pdbx_description
1 polymer 'Putative uncharacterized protein'
2 polymer 'Unknown peptide, probably from expression host'
3 non-polymer 'POTASSIUM ION'
4 non-polymer 'MAGNESIUM ION'
5 non-polymer "ADENOSINE-5'-DIPHOSPHATE-GLUCOSE"
6 non-polymer GLYCEROL
7 water water
#
loop_
_entity_poly.entity_id
_entity_poly.type
_entity_poly.pdbx_seq_one_letter_code
_entity_poly.pdbx_strand_id
1 'polypeptide(L)'
;MGSDKIHHHHHHMKEIDELTIKEYGVDSRILMERAGISVVLAMEEELGNLSDYRFLVLCGGGNNGGDGFVVARNLLGVVK
DVLVVFLGKKKTPDCEYNYGLYKKFGGKVVEQFEPSILNEFDVVVDAIFGTGLRGEITGEYAEIINLVNKSGKVVVSVDV
PSGIDSNTGKVLRTAVKADLTVTFGVPKIGHILFPGRDLTGKLKVANIGHPVHLINSINRYVITREMVRSLLPERPRDSH
KGTYGKVLIIAGSRLYSGAPVLSGMGSLKVGTGLVKLAVPFPQNLIATSRFPELISVPIDTEKGFFSLQNLQECLELSKD
VDVVAIGPGLGNNEHVREFVNEFLKTLEKPAVIDADAINVLDTSVLKERKSPAVLTPHPGEMARLVKKTVGDVKYNYELA
EEFAKENDCVLVLKSATTIVTDGEKTLFNITGNTGLSKGGSGDVLTGMIAGFIAQGLSPLEASTVSVYLHGFAAELFEQD
ERGLTASELLRLIPEAIRRLKE
;
A
2 'polypeptide(L)' AAWLFEA B
#
# COMPACT_ATOMS: atom_id res chain seq x y z
N MET A 13 -12.54 13.53 -0.19
CA MET A 13 -12.97 13.65 -1.61
C MET A 13 -14.45 14.04 -1.71
N LYS A 14 -15.27 13.57 -0.77
CA LYS A 14 -16.64 14.07 -0.74
C LYS A 14 -16.65 15.57 -0.39
N GLU A 15 -15.70 16.00 0.45
CA GLU A 15 -15.47 17.43 0.69
C GLU A 15 -15.02 18.10 -0.59
N ILE A 16 -14.27 17.37 -1.39
CA ILE A 16 -13.65 17.94 -2.60
C ILE A 16 -14.71 18.22 -3.66
N ASP A 17 -15.61 17.27 -3.84
CA ASP A 17 -16.77 17.50 -4.69
C ASP A 17 -17.58 18.72 -4.20
N GLU A 18 -17.92 18.75 -2.89
CA GLU A 18 -18.78 19.81 -2.37
C GLU A 18 -18.18 21.16 -2.56
N LEU A 19 -16.89 21.27 -2.27
CA LEU A 19 -16.20 22.52 -2.40
C LEU A 19 -16.20 23.00 -3.89
N THR A 20 -15.90 22.07 -4.81
CA THR A 20 -15.80 22.37 -6.25
C THR A 20 -17.16 22.90 -6.74
N ILE A 21 -18.26 22.30 -6.28
CA ILE A 21 -19.59 22.77 -6.63
C ILE A 21 -19.91 24.10 -5.89
N LYS A 22 -19.86 24.05 -4.56
CA LYS A 22 -20.41 25.11 -3.75
C LYS A 22 -19.50 26.36 -3.64
N GLU A 23 -18.17 26.19 -3.55
CA GLU A 23 -17.28 27.37 -3.50
C GLU A 23 -16.72 27.76 -4.86
N TYR A 24 -16.35 26.82 -5.71
CA TYR A 24 -15.75 27.18 -7.00
C TYR A 24 -16.82 27.41 -8.02
N GLY A 25 -17.95 26.77 -7.84
CA GLY A 25 -19.11 27.08 -8.69
C GLY A 25 -19.22 26.22 -9.90
N VAL A 26 -18.55 25.06 -9.88
CA VAL A 26 -18.69 24.15 -11.01
C VAL A 26 -20.03 23.45 -10.84
N ASP A 27 -20.91 23.56 -11.83
CA ASP A 27 -22.19 22.86 -11.78
C ASP A 27 -21.96 21.36 -11.53
N SER A 28 -22.73 20.79 -10.59
CA SER A 28 -22.65 19.36 -10.31
C SER A 28 -22.87 18.52 -11.58
N ARG A 29 -23.71 19.00 -12.49
CA ARG A 29 -23.94 18.26 -13.73
C ARG A 29 -22.69 18.15 -14.63
N ILE A 30 -21.86 19.19 -14.62
CA ILE A 30 -20.61 19.26 -15.39
C ILE A 30 -19.59 18.21 -14.85
N LEU A 31 -19.45 18.12 -13.52
CA LEU A 31 -18.64 17.07 -12.89
C LEU A 31 -19.14 15.68 -13.28
N MET A 32 -20.44 15.51 -13.29
CA MET A 32 -21.03 14.24 -13.60
C MET A 32 -20.82 13.90 -15.11
N GLU A 33 -20.97 14.88 -15.98
CA GLU A 33 -20.65 14.64 -17.40
C GLU A 33 -19.18 14.23 -17.59
N ARG A 34 -18.28 14.99 -16.97
CA ARG A 34 -16.87 14.69 -17.08
C ARG A 34 -16.56 13.30 -16.56
N ALA A 35 -17.21 12.88 -15.46
CA ALA A 35 -17.03 11.56 -14.89
C ALA A 35 -17.42 10.49 -15.90
N GLY A 36 -18.61 10.62 -16.45
CA GLY A 36 -19.09 9.60 -17.39
C GLY A 36 -18.23 9.52 -18.65
N ILE A 37 -17.86 10.64 -19.23
CA ILE A 37 -17.00 10.55 -20.42
C ILE A 37 -15.65 9.94 -20.10
N SER A 38 -15.11 10.18 -18.91
CA SER A 38 -13.83 9.54 -18.51
C SER A 38 -13.94 8.03 -18.58
N VAL A 39 -15.08 7.52 -18.18
CA VAL A 39 -15.34 6.08 -18.19
C VAL A 39 -15.35 5.59 -19.62
N VAL A 40 -16.02 6.33 -20.51
CA VAL A 40 -16.06 5.95 -21.91
C VAL A 40 -14.64 5.91 -22.48
N LEU A 41 -13.85 6.96 -22.25
CA LEU A 41 -12.49 7.01 -22.79
C LEU A 41 -11.58 5.90 -22.24
N ALA A 42 -11.72 5.63 -20.95
CA ALA A 42 -11.01 4.57 -20.28
C ALA A 42 -11.34 3.19 -20.88
N MET A 43 -12.62 2.95 -21.20
CA MET A 43 -13.00 1.68 -21.80
C MET A 43 -12.40 1.51 -23.18
N GLU A 44 -12.39 2.59 -23.94
CA GLU A 44 -11.85 2.55 -25.29
C GLU A 44 -10.32 2.24 -25.29
N GLU A 45 -9.60 2.89 -24.39
CA GLU A 45 -8.19 2.67 -24.14
C GLU A 45 -7.92 1.22 -23.74
N GLU A 46 -8.85 0.61 -23.03
CA GLU A 46 -8.72 -0.78 -22.60
C GLU A 46 -9.28 -1.80 -23.62
N LEU A 47 -10.43 -1.52 -24.24
CA LEU A 47 -11.06 -2.48 -25.15
C LEU A 47 -10.72 -2.24 -26.62
N GLY A 48 -10.14 -1.07 -26.94
CA GLY A 48 -9.94 -0.67 -28.32
C GLY A 48 -11.27 -0.10 -28.77
N ASN A 49 -11.52 -0.12 -30.06
CA ASN A 49 -12.78 0.34 -30.61
C ASN A 49 -14.03 -0.25 -29.93
N LEU A 50 -14.93 0.62 -29.48
CA LEU A 50 -16.11 0.17 -28.74
C LEU A 50 -17.31 -0.19 -29.64
N SER A 51 -17.21 0.04 -30.93
CA SER A 51 -18.41 0.00 -31.76
C SER A 51 -18.96 -1.43 -31.97
N ASP A 52 -18.14 -2.47 -31.76
CA ASP A 52 -18.61 -3.84 -31.88
C ASP A 52 -19.19 -4.45 -30.59
N TYR A 53 -19.13 -3.74 -29.45
CA TYR A 53 -19.62 -4.28 -28.17
C TYR A 53 -21.07 -3.90 -27.82
N ARG A 54 -21.73 -4.78 -27.08
CA ARG A 54 -23.03 -4.52 -26.51
C ARG A 54 -22.81 -4.25 -25.02
N PHE A 55 -23.34 -3.14 -24.50
CA PHE A 55 -23.13 -2.71 -23.11
C PHE A 55 -24.40 -2.81 -22.24
N LEU A 56 -24.24 -3.40 -21.05
CA LEU A 56 -25.27 -3.47 -20.02
C LEU A 56 -24.81 -2.57 -18.90
N VAL A 57 -25.58 -1.54 -18.63
CA VAL A 57 -25.20 -0.54 -17.64
C VAL A 57 -26.13 -0.67 -16.47
N LEU A 58 -25.55 -0.95 -15.31
CA LEU A 58 -26.34 -1.18 -14.12
C LEU A 58 -26.23 0.08 -13.25
N CYS A 59 -27.35 0.75 -13.10
CA CYS A 59 -27.39 2.04 -12.46
C CYS A 59 -28.19 2.01 -11.16
N GLY A 60 -27.57 2.52 -10.09
CA GLY A 60 -28.31 2.77 -8.85
C GLY A 60 -29.00 4.12 -8.97
N GLY A 61 -29.72 4.47 -7.90
CA GLY A 61 -30.41 5.71 -7.81
C GLY A 61 -29.59 6.91 -7.38
N GLY A 62 -28.31 6.70 -7.03
CA GLY A 62 -27.45 7.79 -6.57
C GLY A 62 -26.64 8.43 -7.68
N ASN A 63 -25.63 9.18 -7.27
CA ASN A 63 -24.76 9.83 -8.23
C ASN A 63 -23.87 8.86 -9.01
N ASN A 64 -23.51 7.72 -8.42
CA ASN A 64 -22.81 6.70 -9.16
C ASN A 64 -23.67 6.30 -10.37
N GLY A 65 -24.95 6.05 -10.11
CA GLY A 65 -25.88 5.69 -11.18
C GLY A 65 -26.02 6.78 -12.20
N GLY A 66 -26.02 8.03 -11.73
CA GLY A 66 -26.11 9.18 -12.58
C GLY A 66 -24.92 9.18 -13.53
N ASP A 67 -23.74 8.87 -13.00
CA ASP A 67 -22.54 8.70 -13.83
C ASP A 67 -22.75 7.64 -14.91
N GLY A 68 -23.39 6.55 -14.50
CA GLY A 68 -23.75 5.46 -15.40
C GLY A 68 -24.69 5.91 -16.52
N PHE A 69 -25.67 6.74 -16.18
CA PHE A 69 -26.58 7.26 -17.19
C PHE A 69 -25.82 8.11 -18.23
N VAL A 70 -24.79 8.82 -17.79
CA VAL A 70 -23.94 9.59 -18.72
C VAL A 70 -23.17 8.65 -19.64
N VAL A 71 -22.60 7.58 -19.07
CA VAL A 71 -21.93 6.57 -19.88
C VAL A 71 -22.88 6.02 -20.95
N ALA A 72 -24.03 5.54 -20.50
CA ALA A 72 -25.02 4.97 -21.39
C ALA A 72 -25.37 5.92 -22.48
N ARG A 73 -25.73 7.15 -22.12
CA ARG A 73 -26.18 8.10 -23.13
C ARG A 73 -25.06 8.40 -24.14
N ASN A 74 -23.84 8.59 -23.67
CA ASN A 74 -22.70 8.77 -24.60
C ASN A 74 -22.33 7.58 -25.51
N LEU A 75 -22.70 6.36 -25.14
CA LEU A 75 -22.57 5.20 -26.06
C LEU A 75 -23.68 5.07 -27.13
N LEU A 76 -24.80 5.75 -26.93
CA LEU A 76 -25.92 5.63 -27.87
C LEU A 76 -25.54 6.00 -29.29
N GLY A 77 -25.92 5.15 -30.22
CA GLY A 77 -25.65 5.38 -31.61
C GLY A 77 -24.24 5.01 -32.03
N VAL A 78 -23.39 4.72 -31.07
CA VAL A 78 -21.99 4.53 -31.36
C VAL A 78 -21.52 3.11 -31.12
N VAL A 79 -22.27 2.33 -30.37
CA VAL A 79 -21.91 0.95 -30.08
C VAL A 79 -23.07 0.07 -30.59
N LYS A 80 -22.88 -1.24 -30.57
CA LYS A 80 -23.86 -2.19 -31.07
C LYS A 80 -25.19 -2.17 -30.33
N ASP A 81 -25.12 -2.08 -29.01
CA ASP A 81 -26.31 -2.07 -28.17
C ASP A 81 -25.97 -1.53 -26.78
N VAL A 82 -26.92 -0.80 -26.20
CA VAL A 82 -26.82 -0.31 -24.85
C VAL A 82 -28.14 -0.59 -24.16
N LEU A 83 -28.11 -1.16 -22.97
CA LEU A 83 -29.30 -1.26 -22.15
C LEU A 83 -28.95 -0.82 -20.74
N VAL A 84 -29.81 -0.05 -20.11
CA VAL A 84 -29.65 0.27 -18.70
C VAL A 84 -30.64 -0.55 -17.89
N VAL A 85 -30.18 -1.17 -16.81
CA VAL A 85 -31.08 -1.71 -15.79
C VAL A 85 -30.99 -0.76 -14.61
N PHE A 86 -32.09 -0.07 -14.32
CA PHE A 86 -32.13 0.85 -13.21
C PHE A 86 -32.63 0.09 -11.99
N LEU A 87 -31.79 -0.02 -10.97
CA LEU A 87 -32.07 -0.91 -9.84
C LEU A 87 -32.50 -0.16 -8.61
N GLY A 88 -32.55 1.16 -8.68
CA GLY A 88 -32.90 1.96 -7.50
C GLY A 88 -34.39 2.17 -7.31
N LYS A 89 -34.73 2.87 -6.25
CA LYS A 89 -36.11 3.22 -5.91
C LYS A 89 -36.43 4.67 -6.19
N LYS A 90 -35.42 5.53 -6.21
CA LYS A 90 -35.60 6.96 -6.39
C LYS A 90 -34.26 7.47 -6.91
N LYS A 91 -34.23 8.70 -7.41
CA LYS A 91 -33.07 9.19 -8.11
C LYS A 91 -32.70 10.51 -7.51
N THR A 92 -31.42 10.72 -7.26
CA THR A 92 -30.94 12.03 -6.89
C THR A 92 -31.13 12.98 -8.08
N PRO A 93 -31.06 14.30 -7.84
CA PRO A 93 -31.32 15.26 -8.92
C PRO A 93 -30.41 15.05 -10.14
N ASP A 94 -29.13 14.77 -9.93
CA ASP A 94 -28.26 14.63 -11.12
C ASP A 94 -28.47 13.30 -11.77
N CYS A 95 -28.82 12.25 -10.98
CA CYS A 95 -29.16 10.97 -11.61
C CYS A 95 -30.46 11.12 -12.43
N GLU A 96 -31.44 11.83 -11.86
CA GLU A 96 -32.71 12.09 -12.54
C GLU A 96 -32.47 12.85 -13.85
N TYR A 97 -31.65 13.89 -13.82
CA TYR A 97 -31.37 14.69 -15.02
C TYR A 97 -30.75 13.84 -16.12
N ASN A 98 -29.80 12.98 -15.72
CA ASN A 98 -29.08 12.19 -16.71
C ASN A 98 -29.86 10.99 -17.26
N TYR A 99 -30.73 10.42 -16.41
CA TYR A 99 -31.78 9.49 -16.81
C TYR A 99 -32.69 10.10 -17.85
N GLY A 100 -33.15 11.32 -17.58
CA GLY A 100 -33.94 12.12 -18.53
C GLY A 100 -33.23 12.33 -19.84
N LEU A 101 -31.94 12.66 -19.81
CA LEU A 101 -31.18 12.78 -21.10
C LEU A 101 -31.06 11.47 -21.90
N TYR A 102 -30.77 10.40 -21.17
CA TYR A 102 -30.57 9.07 -21.75
C TYR A 102 -31.84 8.73 -22.50
N LYS A 103 -32.97 8.94 -21.84
CA LYS A 103 -34.25 8.61 -22.46
C LYS A 103 -34.61 9.58 -23.59
N LYS A 104 -34.36 10.88 -23.42
CA LYS A 104 -34.57 11.87 -24.52
C LYS A 104 -33.73 11.47 -25.74
N PHE A 105 -32.53 10.91 -25.49
CA PHE A 105 -31.66 10.53 -26.61
C PHE A 105 -32.05 9.21 -27.27
N GLY A 106 -33.16 8.61 -26.85
CA GLY A 106 -33.63 7.30 -27.37
C GLY A 106 -33.09 6.08 -26.60
N GLY A 107 -32.58 6.29 -25.40
CA GLY A 107 -32.02 5.17 -24.60
C GLY A 107 -33.08 4.25 -24.02
N LYS A 108 -32.76 2.97 -23.90
CA LYS A 108 -33.68 1.98 -23.29
C LYS A 108 -33.25 1.70 -21.84
N VAL A 109 -34.22 1.82 -20.93
CA VAL A 109 -34.06 1.48 -19.52
C VAL A 109 -35.05 0.38 -19.20
N VAL A 110 -34.70 -0.54 -18.33
CA VAL A 110 -35.68 -1.46 -17.73
C VAL A 110 -35.38 -1.46 -16.25
N GLU A 111 -36.38 -1.80 -15.45
CA GLU A 111 -36.22 -1.80 -14.00
C GLU A 111 -36.28 -3.20 -13.42
N GLN A 112 -36.45 -4.21 -14.25
CA GLN A 112 -36.46 -5.60 -13.80
C GLN A 112 -35.33 -6.40 -14.46
N PHE A 113 -34.55 -7.04 -13.60
CA PHE A 113 -33.36 -7.79 -13.97
C PHE A 113 -33.80 -9.24 -14.17
N GLU A 114 -33.26 -9.87 -15.20
CA GLU A 114 -33.56 -11.26 -15.50
C GLU A 114 -32.22 -12.00 -15.60
N PRO A 115 -32.05 -13.13 -14.88
CA PRO A 115 -30.75 -13.82 -14.90
C PRO A 115 -30.13 -13.96 -16.29
N SER A 116 -30.95 -14.33 -17.26
CA SER A 116 -30.51 -14.51 -18.64
C SER A 116 -30.03 -13.24 -19.35
N ILE A 117 -30.26 -12.05 -18.78
CA ILE A 117 -29.96 -10.83 -19.51
C ILE A 117 -28.48 -10.70 -19.82
N LEU A 118 -27.63 -11.15 -18.91
CA LEU A 118 -26.20 -11.12 -19.15
C LEU A 118 -25.85 -11.75 -20.50
N ASN A 119 -26.64 -12.76 -20.90
CA ASN A 119 -26.53 -13.41 -22.22
C ASN A 119 -26.17 -12.51 -23.37
N GLU A 120 -27.03 -11.52 -23.63
CA GLU A 120 -26.95 -10.72 -24.86
C GLU A 120 -26.04 -9.50 -24.77
N PHE A 121 -25.12 -9.47 -23.79
CA PHE A 121 -24.22 -8.35 -23.63
C PHE A 121 -22.79 -8.82 -23.41
N ASP A 122 -21.86 -7.95 -23.76
CA ASP A 122 -20.43 -8.23 -23.77
C ASP A 122 -19.73 -7.53 -22.61
N VAL A 123 -20.18 -6.30 -22.31
CA VAL A 123 -19.58 -5.51 -21.24
C VAL A 123 -20.66 -5.10 -20.26
N VAL A 124 -20.36 -5.25 -18.97
CA VAL A 124 -21.17 -4.74 -17.88
C VAL A 124 -20.49 -3.52 -17.30
N VAL A 125 -21.23 -2.42 -17.26
CA VAL A 125 -20.80 -1.21 -16.62
C VAL A 125 -21.50 -1.19 -15.27
N ASP A 126 -20.73 -1.23 -14.19
CA ASP A 126 -21.25 -1.31 -12.83
C ASP A 126 -21.29 0.09 -12.22
N ALA A 127 -22.47 0.68 -12.28
CA ALA A 127 -22.73 2.00 -11.71
C ALA A 127 -23.81 1.89 -10.64
N ILE A 128 -23.77 0.83 -9.84
CA ILE A 128 -24.81 0.61 -8.81
C ILE A 128 -24.53 1.48 -7.58
N PHE A 129 -23.40 1.28 -6.93
CA PHE A 129 -23.02 2.10 -5.75
C PHE A 129 -21.59 2.61 -5.87
N GLY A 130 -21.32 3.81 -5.37
CA GLY A 130 -19.93 4.32 -5.34
C GLY A 130 -19.51 4.56 -3.90
N THR A 131 -19.19 5.80 -3.60
CA THR A 131 -18.78 6.15 -2.25
C THR A 131 -19.97 6.29 -1.29
N GLY A 132 -21.19 6.15 -1.80
CA GLY A 132 -22.43 6.29 -1.01
C GLY A 132 -22.93 4.96 -0.44
N LEU A 133 -22.16 3.89 -0.67
CA LEU A 133 -22.47 2.59 -0.07
C LEU A 133 -22.62 2.71 1.43
N ARG A 134 -23.75 2.28 1.99
CA ARG A 134 -23.90 2.20 3.46
C ARG A 134 -24.50 0.84 3.82
N GLY A 135 -23.78 0.09 4.65
CA GLY A 135 -24.22 -1.23 5.03
C GLY A 135 -24.14 -2.32 3.99
N GLU A 136 -24.48 -3.51 4.45
CA GLU A 136 -24.38 -4.75 3.68
C GLU A 136 -25.29 -4.68 2.45
N ILE A 137 -24.84 -5.25 1.33
CA ILE A 137 -25.66 -5.34 0.12
C ILE A 137 -26.48 -6.62 0.20
N THR A 138 -27.79 -6.51 0.02
CA THR A 138 -28.67 -7.68 -0.01
C THR A 138 -29.71 -7.59 -1.12
N GLY A 139 -30.54 -8.62 -1.22
CA GLY A 139 -31.71 -8.57 -2.09
C GLY A 139 -31.28 -8.66 -3.52
N GLU A 140 -32.05 -8.01 -4.41
CA GLU A 140 -31.72 -7.92 -5.83
C GLU A 140 -30.45 -7.15 -6.13
N TYR A 141 -29.94 -6.38 -5.17
CA TYR A 141 -28.62 -5.77 -5.39
C TYR A 141 -27.59 -6.91 -5.34
N ALA A 142 -27.61 -7.69 -4.27
CA ALA A 142 -26.76 -8.84 -4.10
C ALA A 142 -26.87 -9.81 -5.29
N GLU A 143 -28.09 -10.15 -5.69
CA GLU A 143 -28.26 -11.16 -6.73
C GLU A 143 -27.71 -10.72 -8.04
N ILE A 144 -27.93 -9.46 -8.38
CA ILE A 144 -27.43 -8.98 -9.64
C ILE A 144 -25.88 -8.97 -9.64
N ILE A 145 -25.28 -8.58 -8.52
CA ILE A 145 -23.81 -8.55 -8.39
C ILE A 145 -23.25 -9.97 -8.51
N ASN A 146 -23.90 -10.94 -7.87
CA ASN A 146 -23.46 -12.33 -7.94
C ASN A 146 -23.63 -12.94 -9.36
N LEU A 147 -24.73 -12.62 -10.02
CA LEU A 147 -24.90 -12.93 -11.46
C LEU A 147 -23.81 -12.32 -12.33
N VAL A 148 -23.51 -11.01 -12.17
CA VAL A 148 -22.43 -10.37 -12.90
C VAL A 148 -21.10 -11.09 -12.60
N ASN A 149 -20.83 -11.41 -11.33
CA ASN A 149 -19.60 -12.14 -11.00
C ASN A 149 -19.46 -13.55 -11.55
N LYS A 150 -20.57 -14.22 -11.82
CA LYS A 150 -20.50 -15.56 -12.42
C LYS A 150 -20.42 -15.46 -13.94
N SER A 151 -20.66 -14.29 -14.51
CA SER A 151 -20.99 -14.20 -15.94
C SER A 151 -19.82 -14.32 -16.92
N GLY A 152 -18.59 -14.07 -16.47
CA GLY A 152 -17.42 -14.08 -17.35
C GLY A 152 -17.35 -12.89 -18.33
N LYS A 153 -18.19 -11.89 -18.15
CA LYS A 153 -18.14 -10.75 -19.03
C LYS A 153 -17.07 -9.79 -18.53
N VAL A 154 -16.78 -8.83 -19.39
CA VAL A 154 -15.88 -7.72 -19.08
C VAL A 154 -16.63 -6.77 -18.17
N VAL A 155 -16.06 -6.51 -17.00
CA VAL A 155 -16.69 -5.63 -15.98
C VAL A 155 -15.90 -4.35 -15.74
N VAL A 156 -16.61 -3.23 -15.91
CA VAL A 156 -16.07 -1.92 -15.75
C VAL A 156 -16.86 -1.27 -14.65
N SER A 157 -16.19 -0.97 -13.53
CA SER A 157 -16.82 -0.34 -12.39
C SER A 157 -16.61 1.18 -12.37
N VAL A 158 -17.70 1.90 -12.12
CA VAL A 158 -17.66 3.31 -12.04
C VAL A 158 -17.31 3.68 -10.61
N ASP A 159 -16.20 4.41 -10.46
CA ASP A 159 -15.68 4.94 -9.18
C ASP A 159 -15.03 3.90 -8.23
N VAL A 160 -15.83 2.95 -7.79
CA VAL A 160 -15.40 1.87 -6.92
C VAL A 160 -16.29 0.68 -7.24
N PRO A 161 -15.73 -0.52 -7.25
CA PRO A 161 -16.60 -1.67 -7.48
C PRO A 161 -17.71 -1.73 -6.43
N SER A 162 -18.97 -1.85 -6.86
CA SER A 162 -20.11 -1.78 -5.94
C SER A 162 -20.03 -2.85 -4.89
N GLY A 163 -20.14 -2.47 -3.62
CA GLY A 163 -19.89 -3.42 -2.55
C GLY A 163 -18.59 -3.23 -1.79
N ILE A 164 -17.66 -2.46 -2.35
CA ILE A 164 -16.46 -2.12 -1.60
C ILE A 164 -16.70 -0.86 -0.81
N ASP A 165 -16.43 -0.87 0.48
CA ASP A 165 -16.42 0.37 1.26
C ASP A 165 -15.18 1.13 0.87
N SER A 166 -15.37 2.34 0.34
CA SER A 166 -14.30 3.03 -0.30
C SER A 166 -13.34 3.67 0.72
N ASN A 167 -13.69 3.64 2.00
CA ASN A 167 -12.81 4.10 3.10
C ASN A 167 -11.94 3.03 3.69
N THR A 168 -12.29 1.77 3.49
CA THR A 168 -11.56 0.69 4.15
C THR A 168 -11.07 -0.41 3.17
N GLY A 169 -11.72 -0.55 2.03
CA GLY A 169 -11.47 -1.67 1.14
C GLY A 169 -12.14 -2.98 1.53
N LYS A 170 -12.97 -2.94 2.56
CA LYS A 170 -13.73 -4.13 2.95
C LYS A 170 -14.91 -4.39 2.04
N VAL A 171 -15.28 -5.66 1.90
CA VAL A 171 -16.45 -6.08 1.13
C VAL A 171 -17.68 -6.07 2.05
N LEU A 172 -18.72 -5.34 1.66
CA LEU A 172 -19.94 -5.29 2.45
C LEU A 172 -20.91 -6.38 1.95
N ARG A 173 -20.67 -7.59 2.48
CA ARG A 173 -21.38 -8.83 2.12
C ARG A 173 -21.04 -9.41 0.74
N THR A 174 -21.24 -8.63 -0.29
CA THR A 174 -20.76 -9.02 -1.60
C THR A 174 -20.41 -7.78 -2.42
N ALA A 175 -19.56 -7.98 -3.41
CA ALA A 175 -19.03 -6.87 -4.23
C ALA A 175 -18.69 -7.30 -5.63
N VAL A 176 -18.74 -6.35 -6.55
CA VAL A 176 -18.45 -6.61 -7.95
C VAL A 176 -16.95 -6.87 -8.10
N LYS A 177 -16.58 -7.87 -8.89
CA LYS A 177 -15.20 -8.01 -9.28
C LYS A 177 -14.98 -7.41 -10.69
N ALA A 178 -14.23 -6.33 -10.76
CA ALA A 178 -14.07 -5.54 -12.01
C ALA A 178 -12.77 -5.89 -12.73
N ASP A 179 -12.84 -5.87 -14.05
CA ASP A 179 -11.61 -5.89 -14.89
C ASP A 179 -10.95 -4.50 -14.90
N LEU A 180 -11.78 -3.45 -14.84
CA LEU A 180 -11.34 -2.06 -14.98
C LEU A 180 -12.20 -1.22 -14.05
N THR A 181 -11.57 -0.36 -13.25
CA THR A 181 -12.27 0.58 -12.40
C THR A 181 -11.81 1.96 -12.76
N VAL A 182 -12.76 2.86 -13.02
CA VAL A 182 -12.43 4.24 -13.27
C VAL A 182 -12.89 5.09 -12.11
N THR A 183 -11.95 5.71 -11.42
CA THR A 183 -12.25 6.55 -10.27
C THR A 183 -11.91 8.01 -10.58
N PHE A 184 -12.39 8.92 -9.74
CA PHE A 184 -12.37 10.35 -10.08
C PHE A 184 -11.54 11.18 -9.10
N GLY A 185 -10.63 11.99 -9.62
CA GLY A 185 -9.79 12.83 -8.77
C GLY A 185 -8.58 12.15 -8.17
N VAL A 186 -8.81 11.21 -7.26
CA VAL A 186 -7.73 10.53 -6.54
C VAL A 186 -8.17 9.09 -6.26
N PRO A 187 -7.21 8.18 -6.14
CA PRO A 187 -7.55 6.83 -5.72
C PRO A 187 -8.17 6.86 -4.31
N LYS A 188 -9.11 5.99 -4.05
CA LYS A 188 -9.74 5.90 -2.76
C LYS A 188 -9.07 4.80 -1.97
N ILE A 189 -9.20 4.86 -0.65
CA ILE A 189 -8.53 3.91 0.20
C ILE A 189 -8.95 2.47 -0.15
N GLY A 190 -10.22 2.30 -0.55
CA GLY A 190 -10.74 1.00 -0.94
C GLY A 190 -10.28 0.36 -2.23
N HIS A 191 -9.61 1.13 -3.09
CA HIS A 191 -8.87 0.58 -4.22
C HIS A 191 -7.48 0.13 -3.78
N ILE A 192 -7.01 0.66 -2.64
CA ILE A 192 -5.62 0.47 -2.20
C ILE A 192 -5.45 -0.69 -1.22
N LEU A 193 -6.42 -0.84 -0.29
CA LEU A 193 -6.34 -1.90 0.67
C LEU A 193 -7.14 -3.07 0.18
N PHE A 194 -6.75 -4.26 0.62
CA PHE A 194 -7.44 -5.50 0.21
C PHE A 194 -8.54 -5.73 1.20
N PRO A 195 -9.62 -6.44 0.81
CA PRO A 195 -9.83 -7.10 -0.51
C PRO A 195 -10.14 -6.15 -1.68
N GLY A 196 -10.43 -4.90 -1.38
CA GLY A 196 -10.86 -3.96 -2.39
C GLY A 196 -9.86 -3.79 -3.51
N ARG A 197 -8.58 -3.78 -3.18
CA ARG A 197 -7.56 -3.61 -4.19
C ARG A 197 -7.68 -4.73 -5.20
N ASP A 198 -7.98 -5.92 -4.73
CA ASP A 198 -8.17 -7.06 -5.62
C ASP A 198 -9.37 -6.93 -6.56
N LEU A 199 -10.47 -6.40 -6.06
CA LEU A 199 -11.72 -6.38 -6.82
C LEU A 199 -11.79 -5.23 -7.84
N THR A 200 -10.87 -4.28 -7.68
CA THR A 200 -10.75 -3.09 -8.52
C THR A 200 -10.24 -3.44 -9.87
N GLY A 201 -9.41 -4.51 -9.96
CA GLY A 201 -8.75 -4.80 -11.19
C GLY A 201 -7.86 -3.62 -11.55
N LYS A 202 -7.77 -3.30 -12.84
CA LYS A 202 -6.92 -2.22 -13.29
C LYS A 202 -7.61 -0.88 -12.96
N LEU A 203 -6.90 -0.02 -12.23
CA LEU A 203 -7.45 1.26 -11.78
C LEU A 203 -6.95 2.37 -12.67
N LYS A 204 -7.86 3.14 -13.25
CA LYS A 204 -7.54 4.44 -13.86
C LYS A 204 -8.14 5.58 -13.02
N VAL A 205 -7.33 6.60 -12.76
CA VAL A 205 -7.72 7.78 -12.00
C VAL A 205 -7.91 8.95 -12.97
N ALA A 206 -9.16 9.35 -13.16
CA ALA A 206 -9.54 10.41 -14.06
C ALA A 206 -9.64 11.77 -13.39
N ASN A 207 -9.13 12.76 -14.11
CA ASN A 207 -9.29 14.14 -13.80
C ASN A 207 -10.69 14.57 -14.31
N ILE A 208 -11.60 14.98 -13.43
CA ILE A 208 -12.95 15.43 -13.88
C ILE A 208 -13.23 16.90 -13.61
N GLY A 209 -12.18 17.59 -13.23
CA GLY A 209 -12.23 19.06 -13.23
C GLY A 209 -12.12 19.69 -11.87
N HIS A 210 -11.84 18.92 -10.81
CA HIS A 210 -11.52 19.49 -9.48
C HIS A 210 -10.30 20.37 -9.56
N PRO A 211 -10.27 21.47 -8.79
CA PRO A 211 -9.05 22.28 -8.82
C PRO A 211 -7.88 21.45 -8.33
N VAL A 212 -6.75 21.63 -8.96
CA VAL A 212 -5.57 20.83 -8.65
C VAL A 212 -5.11 21.02 -7.21
N HIS A 213 -5.26 22.22 -6.68
CA HIS A 213 -5.02 22.49 -5.28
C HIS A 213 -5.82 21.60 -4.35
N LEU A 214 -7.08 21.35 -4.67
CA LEU A 214 -7.86 20.49 -3.79
C LEU A 214 -7.41 19.03 -3.89
N ILE A 215 -7.13 18.56 -5.10
CA ILE A 215 -6.64 17.20 -5.31
C ILE A 215 -5.33 16.99 -4.55
N ASN A 216 -4.49 18.02 -4.50
CA ASN A 216 -3.18 17.92 -3.81
C ASN A 216 -3.26 17.94 -2.30
N SER A 217 -4.40 18.32 -1.74
CA SER A 217 -4.51 18.55 -0.32
C SER A 217 -4.86 17.26 0.42
N ILE A 218 -5.03 16.15 -0.27
CA ILE A 218 -5.33 14.89 0.39
C ILE A 218 -4.09 14.36 1.12
N ASN A 219 -4.30 13.87 2.33
CA ASN A 219 -3.21 13.64 3.27
C ASN A 219 -2.79 12.16 3.38
N ARG A 220 -3.44 11.31 2.60
CA ARG A 220 -3.06 9.90 2.51
C ARG A 220 -2.75 9.65 1.05
N TYR A 221 -1.63 9.02 0.74
CA TYR A 221 -1.31 8.79 -0.67
C TYR A 221 -0.60 7.49 -0.95
N VAL A 222 -0.62 7.16 -2.23
CA VAL A 222 0.06 6.04 -2.77
C VAL A 222 1.51 6.42 -3.05
N ILE A 223 2.44 5.58 -2.60
CA ILE A 223 3.87 5.82 -2.89
C ILE A 223 4.12 5.53 -4.37
N THR A 224 4.59 6.53 -5.10
CA THR A 224 4.84 6.37 -6.52
C THR A 224 6.29 6.43 -6.88
N ARG A 225 6.57 5.99 -8.09
CA ARG A 225 7.90 5.94 -8.62
C ARG A 225 8.52 7.35 -8.56
N GLU A 226 7.71 8.38 -8.78
CA GLU A 226 8.26 9.75 -8.92
C GLU A 226 8.66 10.24 -7.53
N MET A 227 7.79 9.95 -6.58
CA MET A 227 8.08 10.30 -5.19
C MET A 227 9.40 9.61 -4.71
N VAL A 228 9.58 8.33 -5.02
CA VAL A 228 10.77 7.61 -4.58
C VAL A 228 12.00 8.14 -5.30
N ARG A 229 11.89 8.42 -6.61
CA ARG A 229 13.02 8.99 -7.37
C ARG A 229 13.52 10.29 -6.80
N SER A 230 12.61 11.18 -6.43
CA SER A 230 13.03 12.47 -5.86
C SER A 230 13.58 12.36 -4.43
N LEU A 231 13.28 11.25 -3.72
CA LEU A 231 13.82 11.00 -2.37
C LEU A 231 15.18 10.26 -2.31
N LEU A 232 15.54 9.55 -3.35
CA LEU A 232 16.81 8.83 -3.40
C LEU A 232 17.97 9.76 -3.11
N PRO A 233 18.84 9.42 -2.18
CA PRO A 233 19.90 10.40 -1.96
C PRO A 233 20.91 10.50 -3.10
N GLU A 234 21.59 11.64 -3.12
CA GLU A 234 22.61 11.95 -4.08
C GLU A 234 23.90 11.20 -3.81
N ARG A 235 24.65 10.93 -4.87
CA ARG A 235 25.94 10.27 -4.80
C ARG A 235 26.97 11.25 -5.34
N PRO A 236 27.41 12.21 -4.52
CA PRO A 236 28.44 13.11 -5.01
C PRO A 236 29.71 12.31 -5.31
N ARG A 237 30.35 12.66 -6.41
CA ARG A 237 31.53 11.92 -6.85
C ARG A 237 32.69 11.96 -5.89
N ASP A 238 32.92 13.10 -5.25
CA ASP A 238 33.98 13.18 -4.23
C ASP A 238 33.42 12.69 -2.89
N SER A 239 33.34 11.42 -2.70
CA SER A 239 32.70 10.86 -1.52
C SER A 239 33.56 9.71 -1.05
N HIS A 240 33.21 9.17 0.10
CA HIS A 240 33.91 8.04 0.63
C HIS A 240 32.88 7.33 1.49
N LYS A 241 33.23 6.20 2.04
CA LYS A 241 32.23 5.43 2.70
C LYS A 241 31.50 6.15 3.83
N GLY A 242 32.22 7.00 4.54
CA GLY A 242 31.64 7.78 5.60
C GLY A 242 30.54 8.70 5.09
N THR A 243 30.71 9.29 3.90
CA THR A 243 29.60 9.99 3.23
C THR A 243 28.23 9.27 3.29
N TYR A 244 28.26 7.94 3.13
CA TYR A 244 27.10 7.12 2.97
C TYR A 244 26.64 6.40 4.26
N GLY A 245 27.19 6.81 5.40
CA GLY A 245 26.71 6.37 6.71
C GLY A 245 27.17 5.00 7.17
N LYS A 246 26.97 4.76 8.45
CA LYS A 246 27.28 3.53 9.09
C LYS A 246 26.06 3.00 9.84
N VAL A 247 25.84 1.70 9.74
CA VAL A 247 24.76 1.02 10.41
C VAL A 247 25.35 -0.04 11.31
N LEU A 248 24.74 -0.21 12.49
CA LEU A 248 24.97 -1.35 13.36
C LEU A 248 23.68 -2.16 13.35
N ILE A 249 23.78 -3.42 13.12
CA ILE A 249 22.66 -4.32 13.25
C ILE A 249 22.90 -5.29 14.40
N ILE A 250 22.01 -5.26 15.39
CA ILE A 250 22.04 -6.14 16.54
C ILE A 250 20.96 -7.21 16.29
N ALA A 251 21.40 -8.45 16.09
CA ALA A 251 20.55 -9.47 15.51
C ALA A 251 21.09 -10.87 15.72
N GLY A 252 20.21 -11.84 15.56
CA GLY A 252 20.57 -13.25 15.56
C GLY A 252 20.71 -13.86 16.94
N SER A 253 20.93 -15.16 16.94
CA SER A 253 20.93 -15.99 18.12
C SER A 253 21.37 -17.37 17.64
N ARG A 254 21.59 -18.29 18.56
CA ARG A 254 21.97 -19.63 18.19
C ARG A 254 20.85 -20.31 17.39
N LEU A 255 19.59 -19.93 17.62
CA LEU A 255 18.48 -20.50 16.84
C LEU A 255 18.38 -19.89 15.46
N TYR A 256 18.59 -18.58 15.36
CA TYR A 256 18.30 -17.82 14.13
C TYR A 256 19.56 -17.14 13.61
N SER A 257 20.41 -17.88 12.90
CA SER A 257 21.73 -17.35 12.48
C SER A 257 21.73 -16.62 11.15
N GLY A 258 20.68 -16.81 10.34
CA GLY A 258 20.61 -16.18 9.02
C GLY A 258 20.12 -14.74 8.98
N ALA A 259 19.23 -14.38 9.90
CA ALA A 259 18.62 -13.07 9.92
C ALA A 259 19.63 -11.89 9.79
N PRO A 260 20.75 -11.91 10.56
CA PRO A 260 21.71 -10.79 10.49
C PRO A 260 22.30 -10.54 9.11
N VAL A 261 22.56 -11.61 8.40
CA VAL A 261 23.18 -11.58 7.11
C VAL A 261 22.22 -10.84 6.11
N LEU A 262 20.95 -11.20 6.12
CA LEU A 262 19.97 -10.62 5.23
C LEU A 262 19.75 -9.14 5.56
N SER A 263 19.70 -8.79 6.85
CA SER A 263 19.58 -7.37 7.24
C SER A 263 20.80 -6.55 6.82
N GLY A 264 22.00 -7.07 7.11
CA GLY A 264 23.25 -6.41 6.74
C GLY A 264 23.40 -6.15 5.24
N MET A 265 23.17 -7.17 4.41
CA MET A 265 23.18 -6.95 2.96
C MET A 265 22.06 -6.03 2.48
N GLY A 266 20.93 -6.04 3.17
CA GLY A 266 19.89 -5.07 2.86
C GLY A 266 20.41 -3.66 2.94
N SER A 267 21.15 -3.35 4.00
CA SER A 267 21.78 -2.03 4.13
C SER A 267 22.81 -1.80 3.04
N LEU A 268 23.63 -2.80 2.73
CA LEU A 268 24.70 -2.56 1.75
C LEU A 268 24.20 -2.38 0.32
N LYS A 269 23.21 -3.16 -0.10
CA LYS A 269 22.64 -3.03 -1.46
C LYS A 269 21.92 -1.71 -1.73
N VAL A 270 21.50 -0.96 -0.70
CA VAL A 270 20.88 0.37 -0.92
C VAL A 270 21.90 1.51 -0.88
N GLY A 271 23.17 1.19 -0.70
CA GLY A 271 24.25 2.18 -0.85
C GLY A 271 24.92 2.64 0.41
N THR A 272 24.67 1.95 1.50
CA THR A 272 25.23 2.32 2.80
C THR A 272 26.72 2.08 2.83
N GLY A 273 27.47 2.95 3.47
CA GLY A 273 28.91 2.88 3.38
C GLY A 273 29.55 1.81 4.24
N LEU A 274 29.07 1.67 5.46
CA LEU A 274 29.64 0.69 6.36
C LEU A 274 28.55 -0.01 7.15
N VAL A 275 28.61 -1.34 7.17
CA VAL A 275 27.69 -2.13 7.94
C VAL A 275 28.41 -3.12 8.87
N LYS A 276 28.02 -3.01 10.14
CA LYS A 276 28.52 -3.86 11.22
C LYS A 276 27.40 -4.65 11.80
N LEU A 277 27.57 -5.95 11.95
CA LEU A 277 26.62 -6.78 12.70
C LEU A 277 27.17 -7.09 14.08
N ALA A 278 26.28 -7.17 15.05
CA ALA A 278 26.59 -7.77 16.35
C ALA A 278 25.70 -8.99 16.49
N VAL A 279 26.35 -10.14 16.60
CA VAL A 279 25.73 -11.42 16.53
C VAL A 279 26.47 -12.36 17.50
N PRO A 280 25.73 -13.18 18.27
CA PRO A 280 26.42 -14.12 19.15
C PRO A 280 27.40 -15.08 18.46
N PHE A 281 28.56 -15.26 19.07
CA PHE A 281 29.57 -16.21 18.60
C PHE A 281 29.03 -17.61 18.80
N PRO A 282 29.30 -18.55 17.84
CA PRO A 282 30.00 -18.41 16.56
C PRO A 282 29.10 -18.07 15.38
N GLN A 283 27.83 -17.75 15.64
CA GLN A 283 26.86 -17.50 14.56
C GLN A 283 27.25 -16.28 13.72
N ASN A 284 28.05 -15.38 14.31
CA ASN A 284 28.54 -14.21 13.62
C ASN A 284 29.38 -14.59 12.38
N LEU A 285 30.05 -15.74 12.44
CA LEU A 285 30.93 -16.19 11.35
C LEU A 285 30.22 -16.62 10.08
N ILE A 286 28.93 -16.95 10.22
CA ILE A 286 28.05 -17.28 9.12
C ILE A 286 27.98 -16.11 8.15
N ALA A 287 27.96 -14.88 8.67
CA ALA A 287 27.71 -13.72 7.78
C ALA A 287 28.85 -13.46 6.83
N THR A 288 30.07 -13.60 7.30
CA THR A 288 31.23 -13.19 6.50
C THR A 288 31.66 -14.33 5.61
N SER A 289 31.31 -15.55 5.95
CA SER A 289 31.48 -16.65 5.04
C SER A 289 30.59 -16.43 3.81
N ARG A 290 29.50 -15.72 3.95
CA ARG A 290 28.60 -15.56 2.78
C ARG A 290 28.92 -14.25 2.01
N PHE A 291 29.01 -13.16 2.77
CA PHE A 291 29.43 -11.87 2.29
C PHE A 291 30.54 -11.32 3.16
N PRO A 292 31.76 -11.36 2.65
CA PRO A 292 32.93 -10.90 3.40
C PRO A 292 33.00 -9.39 3.49
N GLU A 293 32.15 -8.70 2.74
CA GLU A 293 32.00 -7.25 2.79
C GLU A 293 31.52 -6.81 4.15
N LEU A 294 30.68 -7.63 4.76
CA LEU A 294 30.13 -7.34 6.07
C LEU A 294 31.16 -7.42 7.17
N ILE A 295 30.92 -6.67 8.23
CA ILE A 295 31.71 -6.77 9.43
C ILE A 295 30.78 -7.46 10.42
N SER A 296 31.20 -8.58 10.97
CA SER A 296 30.30 -9.34 11.85
C SER A 296 31.01 -9.62 13.17
N VAL A 297 30.67 -8.81 14.16
CA VAL A 297 31.34 -8.76 15.42
C VAL A 297 30.81 -9.89 16.31
N PRO A 298 31.71 -10.70 16.88
CA PRO A 298 31.30 -11.82 17.73
C PRO A 298 30.89 -11.30 19.11
N ILE A 299 29.71 -11.66 19.58
CA ILE A 299 29.28 -11.24 20.91
C ILE A 299 29.29 -12.51 21.77
N ASP A 300 30.01 -12.48 22.89
CA ASP A 300 30.13 -13.65 23.76
C ASP A 300 28.90 -13.66 24.63
N THR A 301 28.08 -14.70 24.53
CA THR A 301 26.83 -14.81 25.25
C THR A 301 26.87 -16.06 26.10
N GLU A 302 26.03 -16.12 27.14
CA GLU A 302 25.99 -17.30 28.00
C GLU A 302 25.41 -18.54 27.31
N LYS A 303 24.26 -18.37 26.66
CA LYS A 303 23.47 -19.52 26.09
C LYS A 303 23.03 -19.30 24.64
N GLY A 304 23.62 -18.33 23.94
CA GLY A 304 23.36 -18.13 22.50
C GLY A 304 22.41 -17.00 22.20
N PHE A 305 21.99 -16.25 23.25
CA PHE A 305 21.11 -15.10 23.07
C PHE A 305 21.72 -13.87 23.76
N PHE A 306 21.51 -12.71 23.13
CA PHE A 306 21.80 -11.44 23.79
C PHE A 306 21.13 -11.38 25.19
N SER A 307 21.85 -10.78 26.14
CA SER A 307 21.32 -10.51 27.48
C SER A 307 21.91 -9.20 27.99
N LEU A 308 21.46 -8.80 29.17
CA LEU A 308 21.99 -7.62 29.79
C LEU A 308 23.51 -7.63 29.88
N GLN A 309 24.16 -8.79 29.99
CA GLN A 309 25.62 -8.76 30.00
C GLN A 309 26.24 -8.23 28.69
N ASN A 310 25.46 -8.12 27.62
CA ASN A 310 25.99 -7.55 26.38
C ASN A 310 25.63 -6.09 26.16
N LEU A 311 24.93 -5.50 27.12
CA LEU A 311 24.43 -4.13 26.97
C LEU A 311 25.58 -3.19 26.72
N GLN A 312 26.61 -3.26 27.56
CA GLN A 312 27.68 -2.31 27.47
C GLN A 312 28.44 -2.42 26.15
N GLU A 313 28.77 -3.63 25.74
CA GLU A 313 29.44 -3.78 24.42
C GLU A 313 28.60 -3.20 23.25
N CYS A 314 27.28 -3.35 23.31
CA CYS A 314 26.45 -2.89 22.21
C CYS A 314 26.36 -1.37 22.15
N LEU A 315 26.33 -0.70 23.31
CA LEU A 315 26.29 0.77 23.31
C LEU A 315 27.61 1.30 22.81
N GLU A 316 28.69 0.67 23.23
CA GLU A 316 30.01 1.06 22.74
C GLU A 316 30.09 0.99 21.19
N LEU A 317 29.64 -0.13 20.61
CA LEU A 317 29.56 -0.31 19.19
C LEU A 317 28.65 0.74 18.53
N SER A 318 27.56 1.11 19.18
CA SER A 318 26.63 2.14 18.70
C SER A 318 27.19 3.55 18.58
N LYS A 319 28.22 3.84 19.36
CA LYS A 319 28.80 5.16 19.36
C LYS A 319 29.32 5.61 18.01
N ASP A 320 29.89 4.68 17.25
CA ASP A 320 30.56 4.99 16.01
C ASP A 320 29.64 4.75 14.81
N VAL A 321 28.32 4.64 15.02
CA VAL A 321 27.41 4.51 13.89
C VAL A 321 26.35 5.60 13.86
N ASP A 322 25.65 5.68 12.73
CA ASP A 322 24.56 6.64 12.57
C ASP A 322 23.18 6.11 12.94
N VAL A 323 22.94 4.82 12.76
CA VAL A 323 21.66 4.21 13.01
C VAL A 323 21.92 2.80 13.52
N VAL A 324 21.01 2.33 14.38
CA VAL A 324 21.01 0.95 14.85
C VAL A 324 19.71 0.25 14.49
N ALA A 325 19.79 -0.88 13.77
CA ALA A 325 18.66 -1.82 13.58
C ALA A 325 18.78 -2.93 14.65
N ILE A 326 17.67 -3.33 15.22
CA ILE A 326 17.66 -4.38 16.23
C ILE A 326 16.45 -5.28 16.10
N GLY A 327 16.62 -6.58 16.30
CA GLY A 327 15.46 -7.50 16.45
C GLY A 327 15.40 -8.77 15.64
N PRO A 328 15.86 -8.74 14.39
CA PRO A 328 15.71 -9.98 13.59
C PRO A 328 16.52 -11.12 14.19
N GLY A 329 15.85 -12.23 14.38
CA GLY A 329 16.46 -13.43 14.91
C GLY A 329 16.95 -13.40 16.36
N LEU A 330 16.53 -12.41 17.15
CA LEU A 330 17.08 -12.27 18.52
C LEU A 330 16.55 -13.38 19.42
N GLY A 331 15.38 -13.88 19.10
CA GLY A 331 14.70 -14.78 20.02
C GLY A 331 13.91 -13.90 20.99
N ASN A 332 13.01 -14.56 21.69
CA ASN A 332 12.12 -13.87 22.59
C ASN A 332 12.04 -14.63 23.90
N ASN A 333 12.92 -14.29 24.82
CA ASN A 333 12.90 -14.79 26.18
C ASN A 333 13.15 -13.55 27.05
N GLU A 334 13.13 -13.76 28.35
CA GLU A 334 13.14 -12.67 29.28
C GLU A 334 14.45 -11.89 29.29
N HIS A 335 15.58 -12.56 29.10
CA HIS A 335 16.90 -11.93 29.02
C HIS A 335 17.00 -11.08 27.78
N VAL A 336 16.43 -11.54 26.65
CA VAL A 336 16.38 -10.70 25.46
C VAL A 336 15.49 -9.46 25.72
N ARG A 337 14.32 -9.64 26.31
CA ARG A 337 13.46 -8.50 26.70
C ARG A 337 14.20 -7.45 27.56
N GLU A 338 14.94 -7.88 28.58
CA GLU A 338 15.68 -6.93 29.44
C GLU A 338 16.74 -6.16 28.66
N PHE A 339 17.55 -6.89 27.92
CA PHE A 339 18.49 -6.29 26.99
C PHE A 339 17.89 -5.28 26.01
N VAL A 340 16.89 -5.69 25.24
CA VAL A 340 16.36 -4.82 24.19
C VAL A 340 15.85 -3.49 24.76
N ASN A 341 15.11 -3.59 25.87
CA ASN A 341 14.47 -2.41 26.47
C ASN A 341 15.52 -1.50 27.16
N GLU A 342 16.46 -2.07 27.90
CA GLU A 342 17.52 -1.25 28.49
C GLU A 342 18.41 -0.62 27.40
N PHE A 343 18.62 -1.35 26.32
CA PHE A 343 19.43 -0.82 25.23
C PHE A 343 18.74 0.38 24.59
N LEU A 344 17.50 0.19 24.18
CA LEU A 344 16.77 1.25 23.47
C LEU A 344 16.55 2.47 24.37
N LYS A 345 16.41 2.24 25.67
CA LYS A 345 16.28 3.33 26.63
C LYS A 345 17.52 4.22 26.67
N THR A 346 18.68 3.62 26.50
CA THR A 346 19.95 4.31 26.63
C THR A 346 20.50 4.75 25.27
N LEU A 347 20.16 4.07 24.19
CA LEU A 347 20.69 4.42 22.89
C LEU A 347 20.21 5.77 22.41
N GLU A 348 21.13 6.68 22.09
CA GLU A 348 20.75 7.99 21.54
C GLU A 348 21.14 8.09 20.06
N LYS A 349 20.59 7.16 19.29
CA LYS A 349 20.75 7.12 17.85
C LYS A 349 19.37 6.70 17.34
N PRO A 350 19.01 7.07 16.11
CA PRO A 350 17.83 6.47 15.47
C PRO A 350 17.87 4.94 15.54
N ALA A 351 16.72 4.31 15.81
CA ALA A 351 16.62 2.87 15.88
C ALA A 351 15.58 2.36 14.89
N VAL A 352 15.87 1.24 14.25
CA VAL A 352 14.90 0.52 13.45
C VAL A 352 14.62 -0.76 14.26
N ILE A 353 13.38 -0.93 14.72
CA ILE A 353 13.02 -1.97 15.71
C ILE A 353 12.09 -2.93 14.98
N ASP A 354 12.51 -4.20 14.88
CA ASP A 354 11.88 -5.22 14.05
C ASP A 354 11.71 -6.51 14.86
N ALA A 355 10.76 -7.32 14.44
CA ALA A 355 10.76 -8.74 14.77
C ALA A 355 10.74 -8.96 16.27
N ASP A 356 11.66 -9.76 16.75
CA ASP A 356 11.69 -10.04 18.18
C ASP A 356 11.94 -8.84 19.08
N ALA A 357 12.60 -7.77 18.59
CA ALA A 357 12.71 -6.54 19.40
C ALA A 357 11.33 -5.89 19.55
N ILE A 358 10.43 -6.07 18.58
CA ILE A 358 9.05 -5.62 18.72
C ILE A 358 8.31 -6.52 19.73
N ASN A 359 8.44 -7.84 19.60
CA ASN A 359 7.74 -8.79 20.48
C ASN A 359 8.04 -8.58 21.96
N VAL A 360 9.23 -8.09 22.29
CA VAL A 360 9.54 -7.81 23.67
C VAL A 360 9.51 -6.33 24.05
N LEU A 361 9.17 -5.46 23.10
CA LEU A 361 9.25 -4.05 23.34
C LEU A 361 8.27 -3.63 24.46
N ASP A 362 8.76 -2.81 25.36
CA ASP A 362 7.94 -2.05 26.32
C ASP A 362 7.70 -0.69 25.66
N THR A 363 6.48 -0.41 25.26
CA THR A 363 6.23 0.82 24.49
C THR A 363 6.49 2.11 25.30
N SER A 364 6.55 2.01 26.65
CA SER A 364 6.95 3.16 27.48
C SER A 364 8.34 3.62 27.11
N VAL A 365 9.22 2.66 26.82
CA VAL A 365 10.55 3.04 26.32
C VAL A 365 10.56 3.93 25.10
N LEU A 366 9.65 3.70 24.15
CA LEU A 366 9.55 4.56 22.94
C LEU A 366 9.12 5.95 23.23
N LYS A 367 8.20 6.12 24.17
CA LYS A 367 7.78 7.46 24.53
C LYS A 367 8.94 8.20 25.15
N GLU A 368 9.74 7.56 25.98
CA GLU A 368 10.78 8.32 26.68
C GLU A 368 12.01 8.60 25.80
N ARG A 369 12.18 7.90 24.68
CA ARG A 369 13.36 8.10 23.83
C ARG A 369 13.33 9.49 23.23
N LYS A 370 14.46 10.20 23.26
CA LYS A 370 14.61 11.47 22.54
C LYS A 370 14.91 11.24 21.04
N SER A 371 15.68 10.19 20.74
CA SER A 371 16.04 9.86 19.37
C SER A 371 14.90 9.15 18.62
N PRO A 372 14.90 9.21 17.28
CA PRO A 372 13.73 8.65 16.56
C PRO A 372 13.74 7.13 16.44
N ALA A 373 12.64 6.58 15.96
CA ALA A 373 12.54 5.18 15.77
C ALA A 373 11.59 4.87 14.62
N VAL A 374 11.88 3.79 13.93
CA VAL A 374 10.93 3.19 13.02
C VAL A 374 10.64 1.78 13.55
N LEU A 375 9.37 1.42 13.62
CA LEU A 375 8.96 0.05 13.94
C LEU A 375 8.39 -0.59 12.69
N THR A 376 8.75 -1.85 12.46
CA THR A 376 8.37 -2.58 11.26
C THR A 376 7.65 -3.90 11.52
N PRO A 377 6.49 -3.87 12.19
CA PRO A 377 5.75 -5.08 12.45
C PRO A 377 4.94 -5.59 11.25
N HIS A 378 4.84 -6.92 11.07
CA HIS A 378 3.70 -7.52 10.36
C HIS A 378 2.45 -7.51 11.31
N PRO A 379 1.25 -7.78 10.76
CA PRO A 379 0.07 -7.63 11.65
C PRO A 379 0.06 -8.53 12.91
N GLY A 380 0.68 -9.69 12.84
CA GLY A 380 0.82 -10.55 14.01
C GLY A 380 1.58 -9.85 15.13
N GLU A 381 2.69 -9.23 14.76
CA GLU A 381 3.49 -8.47 15.71
C GLU A 381 2.75 -7.23 16.17
N MET A 382 2.04 -6.55 15.27
CA MET A 382 1.31 -5.34 15.66
C MET A 382 0.20 -5.69 16.63
N ALA A 383 -0.49 -6.79 16.35
CA ALA A 383 -1.55 -7.31 17.21
C ALA A 383 -1.03 -7.55 18.64
N ARG A 384 0.05 -8.32 18.80
CA ARG A 384 0.64 -8.54 20.15
C ARG A 384 1.09 -7.25 20.77
N LEU A 385 1.61 -6.32 19.96
CA LEU A 385 2.19 -5.09 20.52
C LEU A 385 1.11 -4.21 21.16
N VAL A 386 -0.05 -4.10 20.53
CA VAL A 386 -1.13 -3.28 21.08
C VAL A 386 -2.23 -4.15 21.74
N LYS A 387 -2.03 -5.46 21.82
CA LYS A 387 -2.99 -6.33 22.55
C LYS A 387 -4.36 -6.34 21.89
N LYS A 388 -4.38 -6.48 20.57
CA LYS A 388 -5.60 -6.61 19.79
C LYS A 388 -5.50 -7.86 18.89
N THR A 389 -6.53 -8.17 18.14
CA THR A 389 -6.49 -9.30 17.28
C THR A 389 -5.88 -8.81 15.96
N VAL A 390 -5.35 -9.76 15.19
CA VAL A 390 -4.81 -9.53 13.84
C VAL A 390 -5.86 -8.89 12.96
N GLY A 391 -7.09 -9.38 13.02
CA GLY A 391 -8.24 -8.79 12.28
C GLY A 391 -8.62 -7.34 12.67
N ASP A 392 -8.40 -6.95 13.91
CA ASP A 392 -8.58 -5.55 14.34
C ASP A 392 -7.48 -4.65 13.77
N VAL A 393 -6.27 -5.16 13.59
CA VAL A 393 -5.16 -4.29 13.24
C VAL A 393 -4.84 -4.34 11.72
N LYS A 394 -5.19 -5.44 11.03
CA LYS A 394 -4.74 -5.60 9.67
C LYS A 394 -5.36 -4.51 8.81
N TYR A 395 -4.54 -3.76 8.07
CA TYR A 395 -5.03 -2.64 7.22
C TYR A 395 -5.75 -1.54 7.99
N ASN A 396 -5.50 -1.43 9.29
CA ASN A 396 -6.19 -0.43 10.10
C ASN A 396 -5.29 0.78 10.15
N TYR A 397 -5.36 1.60 9.12
CA TYR A 397 -4.46 2.75 9.04
C TYR A 397 -4.69 3.79 10.14
N GLU A 398 -5.94 3.93 10.60
CA GLU A 398 -6.19 4.88 11.70
C GLU A 398 -5.52 4.46 13.01
N LEU A 399 -5.58 3.17 13.31
CA LEU A 399 -4.88 2.62 14.47
C LEU A 399 -3.39 2.80 14.30
N ALA A 400 -2.87 2.53 13.11
CA ALA A 400 -1.45 2.77 12.88
C ALA A 400 -1.04 4.23 13.13
N GLU A 401 -1.81 5.18 12.58
CA GLU A 401 -1.58 6.60 12.76
C GLU A 401 -1.60 7.00 14.23
N GLU A 402 -2.57 6.48 15.00
CA GLU A 402 -2.69 6.80 16.42
C GLU A 402 -1.45 6.30 17.15
N PHE A 403 -1.07 5.07 16.86
CA PHE A 403 0.10 4.49 17.49
C PHE A 403 1.36 5.33 17.17
N ALA A 404 1.52 5.75 15.91
CA ALA A 404 2.76 6.46 15.55
C ALA A 404 2.80 7.81 16.30
N LYS A 405 1.67 8.50 16.29
CA LYS A 405 1.53 9.80 16.93
C LYS A 405 1.75 9.68 18.45
N GLU A 406 1.14 8.69 19.07
CA GLU A 406 1.24 8.50 20.52
C GLU A 406 2.66 8.15 20.97
N ASN A 407 3.41 7.43 20.12
CA ASN A 407 4.71 6.95 20.53
C ASN A 407 5.85 7.70 19.86
N ASP A 408 5.53 8.75 19.14
CA ASP A 408 6.56 9.55 18.47
C ASP A 408 7.46 8.73 17.57
N CYS A 409 6.88 7.88 16.74
CA CYS A 409 7.68 7.04 15.85
C CYS A 409 7.07 6.98 14.45
N VAL A 410 7.76 6.27 13.55
CA VAL A 410 7.23 5.88 12.26
C VAL A 410 6.88 4.43 12.39
N LEU A 411 5.72 4.09 11.86
CA LEU A 411 5.22 2.76 11.91
C LEU A 411 5.10 2.29 10.49
N VAL A 412 5.70 1.15 10.22
CA VAL A 412 5.64 0.50 8.91
C VAL A 412 4.90 -0.79 9.17
N LEU A 413 3.61 -0.83 8.88
CA LEU A 413 2.77 -2.02 9.07
C LEU A 413 2.73 -2.78 7.78
N LYS A 414 3.47 -3.88 7.76
CA LYS A 414 3.70 -4.69 6.55
C LYS A 414 2.47 -5.54 6.18
N SER A 415 2.23 -5.68 4.88
CA SER A 415 1.21 -6.56 4.30
C SER A 415 1.29 -6.28 2.79
N ALA A 416 0.43 -6.95 2.01
CA ALA A 416 0.49 -6.85 0.56
C ALA A 416 0.42 -5.38 0.15
N THR A 417 -0.39 -4.61 0.84
CA THR A 417 -0.29 -3.17 0.82
C THR A 417 0.28 -2.79 2.14
N THR A 418 1.43 -2.14 2.12
CA THR A 418 2.07 -1.71 3.36
C THR A 418 1.69 -0.25 3.69
N ILE A 419 1.44 -0.02 4.97
CA ILE A 419 1.13 1.32 5.47
C ILE A 419 2.34 1.92 6.17
N VAL A 420 2.67 3.15 5.83
CA VAL A 420 3.83 3.83 6.40
C VAL A 420 3.31 5.16 6.94
N THR A 421 3.48 5.40 8.22
CA THR A 421 2.88 6.61 8.79
C THR A 421 3.72 7.12 9.92
N ASP A 422 3.73 8.44 10.08
CA ASP A 422 4.28 9.07 11.27
C ASP A 422 3.17 9.70 12.16
N GLY A 423 1.90 9.42 11.83
CA GLY A 423 0.78 9.98 12.58
C GLY A 423 0.19 11.21 11.90
N GLU A 424 0.91 11.81 10.96
CA GLU A 424 0.40 13.01 10.29
C GLU A 424 0.29 12.70 8.82
N LYS A 425 1.36 12.15 8.26
CA LYS A 425 1.34 11.75 6.89
C LYS A 425 1.31 10.20 6.84
N THR A 426 0.43 9.65 6.01
CA THR A 426 0.34 8.23 5.77
C THR A 426 0.49 7.92 4.29
N LEU A 427 1.33 6.93 3.99
CA LEU A 427 1.58 6.48 2.64
C LEU A 427 1.27 4.98 2.49
N PHE A 428 0.77 4.62 1.33
CA PHE A 428 0.47 3.23 1.01
C PHE A 428 1.37 2.70 -0.06
N ASN A 429 1.95 1.54 0.19
CA ASN A 429 2.82 0.90 -0.82
C ASN A 429 2.11 -0.22 -1.53
N ILE A 430 2.16 -0.22 -2.87
CA ILE A 430 1.50 -1.25 -3.63
C ILE A 430 2.44 -2.07 -4.53
N THR A 431 3.75 -1.92 -4.38
CA THR A 431 4.69 -2.76 -5.13
C THR A 431 4.89 -4.06 -4.42
N GLY A 432 5.41 -5.06 -5.12
CA GLY A 432 5.68 -6.37 -4.50
C GLY A 432 4.75 -7.43 -5.02
N ASN A 433 4.98 -8.66 -4.58
CA ASN A 433 4.15 -9.82 -4.94
C ASN A 433 4.32 -10.90 -3.87
N THR A 434 3.75 -12.09 -4.11
CA THR A 434 3.73 -13.10 -3.07
C THR A 434 5.07 -13.79 -2.87
N GLY A 435 6.08 -13.52 -3.69
CA GLY A 435 7.37 -14.09 -3.40
C GLY A 435 7.97 -13.49 -2.15
N LEU A 436 7.45 -12.35 -1.69
CA LEU A 436 7.88 -11.74 -0.41
C LEU A 436 7.23 -12.41 0.80
N SER A 437 6.21 -13.24 0.56
CA SER A 437 5.55 -14.01 1.63
C SER A 437 6.34 -15.25 2.00
N LYS A 438 7.53 -15.03 2.54
CA LYS A 438 8.44 -16.09 2.81
C LYS A 438 9.49 -15.54 3.81
N GLY A 439 9.88 -16.37 4.75
CA GLY A 439 10.85 -15.99 5.74
C GLY A 439 12.05 -15.31 5.12
N GLY A 440 12.47 -14.21 5.72
CA GLY A 440 13.67 -13.52 5.28
C GLY A 440 13.42 -12.17 4.65
N SER A 441 12.23 -11.99 4.08
CA SER A 441 11.85 -10.78 3.35
C SER A 441 11.91 -9.56 4.23
N GLY A 442 11.33 -9.71 5.40
CA GLY A 442 11.28 -8.67 6.40
C GLY A 442 12.67 -8.27 6.86
N ASP A 443 13.53 -9.25 7.05
CA ASP A 443 14.89 -8.99 7.49
C ASP A 443 15.62 -8.08 6.49
N VAL A 444 15.42 -8.33 5.20
CA VAL A 444 15.99 -7.46 4.18
C VAL A 444 15.50 -6.05 4.32
N LEU A 445 14.18 -5.86 4.41
CA LEU A 445 13.60 -4.53 4.47
C LEU A 445 14.14 -3.73 5.69
N THR A 446 14.29 -4.40 6.82
CA THR A 446 14.88 -3.73 8.00
C THR A 446 16.23 -3.11 7.72
N GLY A 447 17.11 -3.86 7.08
CA GLY A 447 18.39 -3.34 6.69
C GLY A 447 18.30 -2.18 5.71
N MET A 448 17.43 -2.28 4.72
CA MET A 448 17.22 -1.17 3.75
C MET A 448 16.82 0.16 4.42
N ILE A 449 15.86 0.10 5.32
CA ILE A 449 15.42 1.29 6.05
C ILE A 449 16.56 1.92 6.86
N ALA A 450 17.28 1.10 7.65
CA ALA A 450 18.45 1.55 8.43
C ALA A 450 19.44 2.19 7.51
N GLY A 451 19.64 1.60 6.34
CA GLY A 451 20.60 2.08 5.36
C GLY A 451 20.30 3.49 4.85
N PHE A 452 19.05 3.70 4.54
CA PHE A 452 18.64 4.94 4.00
C PHE A 452 18.67 6.02 5.07
N ILE A 453 18.34 5.66 6.29
CA ILE A 453 18.50 6.61 7.40
C ILE A 453 19.98 7.00 7.58
N ALA A 454 20.87 6.03 7.57
CA ALA A 454 22.27 6.30 7.67
C ALA A 454 22.76 7.27 6.54
N GLN A 455 22.15 7.18 5.36
CA GLN A 455 22.52 8.01 4.21
C GLN A 455 21.88 9.39 4.31
N GLY A 456 21.01 9.61 5.29
CA GLY A 456 20.59 10.95 5.60
C GLY A 456 19.12 11.20 5.35
N LEU A 457 18.33 10.18 4.98
CA LEU A 457 16.90 10.38 4.83
C LEU A 457 16.28 10.32 6.23
N SER A 458 15.19 11.05 6.41
CA SER A 458 14.42 10.98 7.65
C SER A 458 13.87 9.57 7.81
N PRO A 459 13.54 9.19 9.05
CA PRO A 459 12.85 7.88 9.26
C PRO A 459 11.60 7.64 8.35
N LEU A 460 10.78 8.65 8.14
CA LEU A 460 9.61 8.47 7.28
C LEU A 460 10.06 8.28 5.81
N GLU A 461 10.99 9.13 5.35
CA GLU A 461 11.48 9.04 3.97
C GLU A 461 12.17 7.72 3.71
N ALA A 462 13.02 7.31 4.64
CA ALA A 462 13.76 6.06 4.54
C ALA A 462 12.79 4.89 4.38
N SER A 463 11.73 4.91 5.20
CA SER A 463 10.72 3.87 5.17
C SER A 463 9.93 3.88 3.83
N THR A 464 9.64 5.07 3.32
CA THR A 464 8.83 5.21 2.13
C THR A 464 9.59 4.66 0.93
N VAL A 465 10.88 5.02 0.84
CA VAL A 465 11.73 4.58 -0.28
C VAL A 465 11.99 3.08 -0.16
N SER A 466 12.17 2.57 1.06
CA SER A 466 12.57 1.20 1.24
C SER A 466 11.43 0.24 0.90
N VAL A 467 10.19 0.52 1.35
CA VAL A 467 9.07 -0.41 1.11
C VAL A 467 8.77 -0.46 -0.38
N TYR A 468 8.93 0.68 -1.06
CA TYR A 468 8.70 0.72 -2.50
C TYR A 468 9.74 -0.14 -3.24
N LEU A 469 11.02 0.11 -2.95
CA LEU A 469 12.13 -0.56 -3.68
C LEU A 469 12.18 -2.04 -3.38
N HIS A 470 11.84 -2.39 -2.16
CA HIS A 470 11.80 -3.82 -1.69
C HIS A 470 10.76 -4.60 -2.51
N GLY A 471 9.60 -4.01 -2.67
CA GLY A 471 8.52 -4.64 -3.47
C GLY A 471 8.84 -4.64 -4.95
N PHE A 472 9.40 -3.53 -5.45
CA PHE A 472 9.77 -3.46 -6.86
C PHE A 472 10.88 -4.50 -7.22
N ALA A 473 11.85 -4.68 -6.32
CA ALA A 473 12.88 -5.70 -6.57
C ALA A 473 12.26 -7.11 -6.74
N ALA A 474 11.29 -7.42 -5.89
CA ALA A 474 10.55 -8.69 -5.96
C ALA A 474 9.91 -8.88 -7.33
N GLU A 475 9.38 -7.80 -7.92
CA GLU A 475 8.71 -7.86 -9.20
C GLU A 475 9.71 -8.05 -10.35
N LEU A 476 10.98 -7.78 -10.09
CA LEU A 476 11.96 -7.91 -11.13
C LEU A 476 12.49 -9.33 -11.20
N PHE A 477 12.06 -10.19 -10.29
CA PHE A 477 12.52 -11.56 -10.33
C PHE A 477 12.08 -12.14 -11.65
N GLU A 478 13.02 -12.76 -12.33
CA GLU A 478 12.83 -13.35 -13.64
C GLU A 478 11.90 -14.56 -13.75
N GLN A 479 11.95 -15.45 -12.77
CA GLN A 479 11.14 -16.66 -12.78
C GLN A 479 9.83 -16.56 -11.98
N ASP A 480 9.18 -17.68 -11.69
CA ASP A 480 7.91 -17.60 -10.94
C ASP A 480 8.12 -17.03 -9.54
N GLU A 481 7.28 -16.09 -9.18
CA GLU A 481 7.46 -15.32 -7.92
C GLU A 481 7.48 -16.21 -6.72
N ARG A 482 6.81 -17.36 -6.79
CA ARG A 482 6.80 -18.16 -5.61
C ARG A 482 8.15 -18.79 -5.29
N GLY A 483 9.10 -18.79 -6.24
CA GLY A 483 10.42 -19.31 -6.02
C GLY A 483 11.38 -18.26 -5.51
N LEU A 484 10.92 -17.01 -5.38
CA LEU A 484 11.78 -15.94 -4.90
C LEU A 484 12.20 -16.22 -3.51
N THR A 485 13.46 -16.00 -3.24
CA THR A 485 13.95 -16.04 -1.85
C THR A 485 14.67 -14.76 -1.55
N ALA A 486 14.90 -14.50 -0.26
CA ALA A 486 15.57 -13.29 0.18
C ALA A 486 16.95 -13.01 -0.42
N SER A 487 17.72 -14.05 -0.65
CA SER A 487 19.03 -13.93 -1.20
C SER A 487 18.90 -13.42 -2.66
N GLU A 488 17.86 -13.86 -3.38
CA GLU A 488 17.67 -13.41 -4.73
C GLU A 488 17.15 -11.98 -4.66
N LEU A 489 16.29 -11.71 -3.68
CA LEU A 489 15.77 -10.38 -3.52
C LEU A 489 16.91 -9.36 -3.39
N LEU A 490 17.90 -9.70 -2.58
CA LEU A 490 19.05 -8.81 -2.38
C LEU A 490 19.75 -8.45 -3.69
N ARG A 491 19.94 -9.45 -4.54
CA ARG A 491 20.64 -9.29 -5.82
C ARG A 491 19.84 -8.38 -6.77
N LEU A 492 18.51 -8.34 -6.61
CA LEU A 492 17.64 -7.52 -7.42
C LEU A 492 17.52 -6.04 -7.00
N ILE A 493 17.91 -5.71 -5.78
CA ILE A 493 17.77 -4.37 -5.29
C ILE A 493 18.49 -3.31 -6.17
N PRO A 494 19.75 -3.52 -6.55
CA PRO A 494 20.43 -2.51 -7.40
C PRO A 494 19.82 -2.34 -8.79
N GLU A 495 19.16 -3.39 -9.33
CA GLU A 495 18.41 -3.26 -10.54
C GLU A 495 17.14 -2.42 -10.32
N ALA A 496 16.39 -2.67 -9.25
CA ALA A 496 15.26 -1.79 -8.89
C ALA A 496 15.69 -0.31 -8.80
N ILE A 497 16.80 -0.05 -8.13
CA ILE A 497 17.33 1.31 -8.03
C ILE A 497 17.61 1.89 -9.40
N ARG A 498 18.27 1.14 -10.26
CA ARG A 498 18.55 1.64 -11.62
C ARG A 498 17.28 1.92 -12.40
N ARG A 499 16.30 1.01 -12.33
CA ARG A 499 15.04 1.22 -13.05
C ARG A 499 14.23 2.41 -12.51
N LEU A 500 14.46 2.76 -11.25
CA LEU A 500 13.81 3.88 -10.63
C LEU A 500 14.28 5.20 -11.24
N LYS A 501 15.48 5.21 -11.81
CA LYS A 501 15.92 6.35 -12.66
C LYS A 501 16.50 5.90 -13.98
N ALA B 1 1.81 11.86 -21.84
CA ALA B 1 0.48 12.56 -21.91
C ALA B 1 -0.51 12.07 -20.78
N ALA B 2 -0.79 12.95 -19.84
CA ALA B 2 -1.31 12.57 -18.55
C ALA B 2 -2.41 13.53 -18.07
N TRP B 3 -3.01 14.32 -18.97
CA TRP B 3 -4.00 15.32 -18.57
C TRP B 3 -5.25 14.62 -18.00
N LEU B 4 -5.72 13.56 -18.64
CA LEU B 4 -6.97 12.91 -18.21
C LEU B 4 -6.78 11.80 -17.15
N PHE B 5 -5.81 10.90 -17.40
CA PHE B 5 -5.62 9.72 -16.57
C PHE B 5 -4.26 9.73 -15.88
N GLU B 6 -4.29 9.48 -14.58
CA GLU B 6 -3.12 8.94 -13.83
C GLU B 6 -3.30 7.39 -13.74
N ALA B 7 -2.35 6.63 -14.30
CA ALA B 7 -2.46 5.13 -14.43
C ALA B 7 -1.61 4.38 -13.39
#